data_7LVM
#
_entry.id   7LVM
#
_cell.length_a   101.418
_cell.length_b   50.414
_cell.length_c   52.609
_cell.angle_alpha   90.000
_cell.angle_beta   116.640
_cell.angle_gamma   90.000
#
_symmetry.space_group_name_H-M   'C 1 2 1'
#
loop_
_entity.id
_entity.type
_entity.pdbx_description
1 polymer Caspase-8
2 water water
#
_entity_poly.entity_id   1
_entity_poly.type   'polypeptide(L)'
_entity_poly.pdbx_seq_one_letter_code
;SLDFSRNLYDIGEQLDSEDLASLKFLSLDYIPQRKQEPIKDALMLFQRLQEKRMLEESNLSFLKELLFRINRLDLLITYL
NTRKEEMERELQTPGRAQISAYRVMLYQISEEVSRSELRSFKALLQEEDSKCKLDDDMNLLDIFIEMEKRVILGEGKLDI
LKRVCAQINKSLLKIINDYEEFSKERSSS
;
_entity_poly.pdbx_strand_id   A
#
# COMPACT_ATOMS: atom_id res chain seq x y z
N LEU A 2 7.30 -13.97 -24.79
CA LEU A 2 7.27 -12.49 -24.71
C LEU A 2 8.40 -11.94 -23.84
N ASP A 3 8.77 -10.69 -24.12
CA ASP A 3 9.97 -10.11 -23.54
C ASP A 3 9.77 -9.46 -22.18
N PHE A 4 10.51 -9.94 -21.18
CA PHE A 4 10.39 -9.51 -19.79
C PHE A 4 10.60 -8.02 -19.62
N SER A 5 11.69 -7.49 -20.17
CA SER A 5 11.97 -6.07 -20.01
C SER A 5 10.97 -5.20 -20.75
N ARG A 6 10.58 -5.61 -21.94
CA ARG A 6 9.60 -4.87 -22.72
C ARG A 6 8.27 -4.87 -21.96
N ASN A 7 7.93 -6.01 -21.37
CA ASN A 7 6.68 -6.14 -20.63
C ASN A 7 6.64 -5.22 -19.41
N LEU A 8 7.74 -5.16 -18.66
CA LEU A 8 7.83 -4.19 -17.57
C LEU A 8 7.60 -2.75 -18.02
N TYR A 9 8.20 -2.37 -19.15
CA TYR A 9 7.98 -1.02 -19.70
C TYR A 9 6.49 -0.82 -20.05
N ASP A 10 5.90 -1.83 -20.70
CA ASP A 10 4.52 -1.75 -21.15
C ASP A 10 3.59 -1.55 -19.95
N ILE A 11 3.79 -2.35 -18.88
CA ILE A 11 3.01 -2.19 -17.65
C ILE A 11 3.21 -0.80 -17.09
N GLY A 12 4.48 -0.40 -16.96
CA GLY A 12 4.80 0.94 -16.44
C GLY A 12 4.10 2.09 -17.16
N GLU A 13 3.95 1.96 -18.48
CA GLU A 13 3.29 3.00 -19.28
C GLU A 13 1.80 3.16 -18.96
N GLN A 14 1.19 2.12 -18.38
CA GLN A 14 -0.23 2.16 -18.10
C GLN A 14 -0.53 2.61 -16.66
N LEU A 15 0.52 2.73 -15.86
CA LEU A 15 0.36 3.14 -14.45
C LEU A 15 0.44 4.65 -14.32
N ASP A 16 -0.52 5.22 -13.62
CA ASP A 16 -0.59 6.68 -13.45
C ASP A 16 0.10 7.16 -12.17
N SER A 17 0.13 8.48 -11.94
CA SER A 17 0.77 9.01 -10.73
C SER A 17 0.17 8.47 -9.43
N GLU A 18 -1.15 8.28 -9.39
CA GLU A 18 -1.80 7.71 -8.22
C GLU A 18 -1.33 6.27 -8.00
N ASP A 19 -1.31 5.48 -9.08
CA ASP A 19 -0.79 4.11 -9.02
C ASP A 19 0.65 4.10 -8.49
N LEU A 20 1.50 4.98 -9.00
CA LEU A 20 2.91 5.00 -8.55
C LEU A 20 2.99 5.27 -7.05
N ALA A 21 2.24 6.26 -6.58
CA ALA A 21 2.23 6.59 -5.16
C ALA A 21 1.74 5.42 -4.29
N SER A 22 0.75 4.69 -4.81
CA SER A 22 0.25 3.51 -4.12
C SER A 22 1.25 2.37 -4.07
N LEU A 23 1.88 2.11 -5.21
CA LEU A 23 2.89 1.06 -5.32
C LEU A 23 4.08 1.35 -4.40
N LYS A 24 4.45 2.62 -4.33
CA LYS A 24 5.57 3.04 -3.45
C LYS A 24 5.19 2.78 -2.00
N PHE A 25 4.00 3.19 -1.61
CA PHE A 25 3.52 2.90 -0.24
C PHE A 25 3.56 1.41 0.08
N LEU A 26 3.04 0.59 -0.83
CA LEU A 26 2.98 -0.86 -0.63
C LEU A 26 4.35 -1.54 -0.64
N SER A 27 5.37 -0.81 -1.11
CA SER A 27 6.74 -1.35 -1.16
C SER A 27 7.59 -0.97 0.04
N LEU A 28 6.99 -0.29 1.01
CA LEU A 28 7.72 0.22 2.16
C LEU A 28 8.53 -0.76 3.00
N ASP A 29 8.19 -2.01 3.06
N ASP A 29 8.07 -2.02 3.09
CA ASP A 29 9.01 -2.81 3.94
CA ASP A 29 8.75 -3.14 3.82
C ASP A 29 10.07 -3.57 3.15
C ASP A 29 10.21 -3.27 3.27
N TYR A 30 10.37 -2.98 1.99
CA TYR A 30 11.55 -3.33 1.16
C TYR A 30 12.33 -2.14 0.65
N ILE A 31 11.64 -1.05 0.30
CA ILE A 31 12.28 0.19 -0.12
C ILE A 31 11.86 1.25 0.89
N PRO A 32 12.76 1.57 1.84
CA PRO A 32 12.47 2.55 2.90
C PRO A 32 11.97 3.87 2.35
N GLN A 33 11.12 4.52 3.14
N GLN A 33 11.11 4.52 3.13
CA GLN A 33 10.45 5.76 2.75
CA GLN A 33 10.46 5.76 2.69
C GLN A 33 11.43 6.77 2.16
C GLN A 33 11.47 6.76 2.12
N ARG A 34 12.54 7.01 2.86
CA ARG A 34 13.51 8.03 2.42
C ARG A 34 14.32 7.68 1.14
N LYS A 35 14.28 6.41 0.71
CA LYS A 35 14.91 5.97 -0.56
C LYS A 35 14.00 5.99 -1.82
N GLN A 36 12.76 6.45 -1.67
CA GLN A 36 11.82 6.42 -2.79
C GLN A 36 11.84 7.68 -3.67
N GLU A 37 12.35 8.79 -3.12
CA GLU A 37 12.38 10.08 -3.85
C GLU A 37 12.94 10.08 -5.29
N PRO A 38 14.03 9.34 -5.58
CA PRO A 38 14.53 9.31 -6.96
C PRO A 38 13.63 8.53 -7.94
N ILE A 39 12.79 7.66 -7.41
CA ILE A 39 11.88 6.83 -8.21
C ILE A 39 10.74 7.69 -8.79
N LYS A 40 10.90 8.10 -10.05
CA LYS A 40 10.00 9.06 -10.67
C LYS A 40 8.90 8.44 -11.53
N ASP A 41 9.08 7.18 -11.91
CA ASP A 41 8.06 6.45 -12.65
C ASP A 41 8.04 4.97 -12.24
N ALA A 42 7.04 4.24 -12.72
CA ALA A 42 6.87 2.84 -12.32
C ALA A 42 8.02 1.97 -12.78
N LEU A 43 8.56 2.21 -13.97
CA LEU A 43 9.67 1.38 -14.44
C LEU A 43 10.89 1.49 -13.49
N MET A 44 11.14 2.69 -12.96
CA MET A 44 12.18 2.91 -11.97
C MET A 44 11.94 2.17 -10.64
N LEU A 45 10.68 2.09 -10.22
CA LEU A 45 10.35 1.24 -9.09
C LEU A 45 10.66 -0.22 -9.42
N PHE A 46 10.30 -0.65 -10.63
CA PHE A 46 10.51 -2.05 -11.03
C PHE A 46 12.00 -2.35 -11.07
N GLN A 47 12.80 -1.37 -11.50
CA GLN A 47 14.25 -1.60 -11.54
C GLN A 47 14.87 -1.68 -10.16
N ARG A 48 14.37 -0.89 -9.19
CA ARG A 48 14.78 -1.05 -7.81
C ARG A 48 14.42 -2.42 -7.25
N LEU A 49 13.22 -2.89 -7.56
CA LEU A 49 12.85 -4.24 -7.16
C LEU A 49 13.72 -5.31 -7.84
N GLN A 50 14.13 -5.08 -9.10
CA GLN A 50 15.06 -6.03 -9.77
C GLN A 50 16.39 -6.10 -9.05
N GLU A 51 16.93 -4.93 -8.68
CA GLU A 51 18.18 -4.84 -7.94
C GLU A 51 18.12 -5.62 -6.62
N LYS A 52 16.94 -5.66 -6.00
CA LYS A 52 16.74 -6.38 -4.76
C LYS A 52 16.39 -7.87 -4.95
N ARG A 53 16.41 -8.32 -6.20
CA ARG A 53 15.98 -9.66 -6.58
C ARG A 53 14.56 -10.01 -6.10
N MET A 54 13.70 -8.99 -6.04
N MET A 54 13.69 -9.01 -6.05
CA MET A 54 12.28 -9.16 -5.70
CA MET A 54 12.28 -9.21 -5.71
C MET A 54 11.47 -9.38 -6.97
C MET A 54 11.41 -9.15 -6.96
N LEU A 55 12.08 -9.03 -8.10
CA LEU A 55 11.44 -9.09 -9.40
C LEU A 55 12.49 -9.54 -10.40
N GLU A 56 12.21 -10.65 -11.06
CA GLU A 56 13.07 -11.13 -12.13
C GLU A 56 12.23 -11.97 -13.05
N GLU A 57 12.86 -12.40 -14.15
CA GLU A 57 12.13 -13.06 -15.22
C GLU A 57 11.38 -14.28 -14.68
N SER A 58 12.00 -14.99 -13.75
CA SER A 58 11.41 -16.20 -13.19
C SER A 58 10.79 -15.97 -11.80
N ASN A 59 10.54 -14.72 -11.45
CA ASN A 59 9.90 -14.41 -10.18
C ASN A 59 9.09 -13.12 -10.29
N LEU A 60 7.83 -13.34 -10.65
CA LEU A 60 6.87 -12.26 -10.87
C LEU A 60 5.89 -12.09 -9.72
N SER A 61 6.07 -12.86 -8.66
CA SER A 61 5.08 -12.93 -7.60
C SER A 61 4.85 -11.57 -6.90
N PHE A 62 5.91 -10.84 -6.61
CA PHE A 62 5.73 -9.55 -5.92
C PHE A 62 5.04 -8.52 -6.80
N LEU A 63 5.46 -8.45 -8.09
CA LEU A 63 4.78 -7.60 -9.07
C LEU A 63 3.30 -7.91 -9.17
N LYS A 64 2.96 -9.20 -9.19
CA LYS A 64 1.55 -9.59 -9.27
C LYS A 64 0.78 -9.16 -8.02
N GLU A 65 1.40 -9.35 -6.87
CA GLU A 65 0.76 -8.96 -5.60
C GLU A 65 0.55 -7.44 -5.55
N LEU A 66 1.55 -6.66 -5.98
CA LEU A 66 1.40 -5.21 -6.01
C LEU A 66 0.23 -4.78 -6.90
N LEU A 67 0.20 -5.34 -8.11
CA LEU A 67 -0.82 -4.93 -9.09
C LEU A 67 -2.21 -5.32 -8.63
N PHE A 68 -2.30 -6.48 -7.99
CA PHE A 68 -3.56 -6.93 -7.43
C PHE A 68 -4.02 -6.01 -6.31
N ARG A 69 -3.12 -5.67 -5.39
N ARG A 69 -3.11 -5.70 -5.38
CA ARG A 69 -3.54 -4.86 -4.24
CA ARG A 69 -3.49 -4.86 -4.24
C ARG A 69 -3.85 -3.39 -4.59
C ARG A 69 -3.96 -3.47 -4.68
N ILE A 70 -3.32 -2.90 -5.71
CA ILE A 70 -3.75 -1.58 -6.23
C ILE A 70 -4.91 -1.68 -7.24
N ASN A 71 -5.45 -2.90 -7.40
CA ASN A 71 -6.67 -3.17 -8.17
C ASN A 71 -6.51 -2.96 -9.67
N ARG A 72 -5.28 -3.13 -10.18
CA ARG A 72 -5.10 -3.07 -11.63
C ARG A 72 -5.30 -4.46 -12.22
N LEU A 73 -6.51 -4.98 -12.07
CA LEU A 73 -6.84 -6.30 -12.60
C LEU A 73 -6.71 -6.34 -14.12
N ASP A 74 -6.95 -5.17 -14.73
CA ASP A 74 -6.81 -5.02 -16.18
C ASP A 74 -5.38 -5.32 -16.65
N LEU A 75 -4.39 -4.78 -15.93
CA LEU A 75 -3.00 -5.01 -16.29
C LEU A 75 -2.55 -6.43 -15.99
N LEU A 76 -3.07 -7.00 -14.91
CA LEU A 76 -2.82 -8.42 -14.59
C LEU A 76 -3.29 -9.34 -15.72
N ILE A 77 -4.46 -9.05 -16.31
CA ILE A 77 -4.90 -9.84 -17.47
C ILE A 77 -4.02 -9.58 -18.70
N THR A 78 -3.86 -8.30 -19.06
CA THR A 78 -3.25 -7.99 -20.36
C THR A 78 -1.79 -8.38 -20.42
N TYR A 79 -1.07 -8.09 -19.34
CA TYR A 79 0.39 -8.19 -19.40
C TYR A 79 0.94 -9.38 -18.64
N LEU A 80 0.13 -9.94 -17.74
CA LEU A 80 0.63 -11.04 -16.93
C LEU A 80 -0.26 -12.29 -16.97
N ASN A 81 -1.29 -12.25 -17.83
CA ASN A 81 -2.24 -13.36 -18.00
C ASN A 81 -2.65 -13.99 -16.66
N THR A 82 -3.02 -13.12 -15.73
CA THR A 82 -3.32 -13.53 -14.37
C THR A 82 -4.71 -12.98 -13.97
N ARG A 83 -5.54 -13.86 -13.39
CA ARG A 83 -6.92 -13.50 -12.97
C ARG A 83 -7.05 -13.20 -11.50
N LYS A 84 -8.08 -12.44 -11.15
CA LYS A 84 -8.43 -12.13 -9.77
C LYS A 84 -8.58 -13.41 -8.94
N GLU A 85 -9.25 -14.42 -9.50
CA GLU A 85 -9.44 -15.72 -8.84
C GLU A 85 -8.11 -16.34 -8.39
N GLU A 86 -7.12 -16.31 -9.28
CA GLU A 86 -5.81 -16.89 -8.97
C GLU A 86 -5.14 -16.10 -7.84
N MET A 87 -5.18 -14.78 -7.92
CA MET A 87 -4.53 -13.99 -6.88
C MET A 87 -5.18 -14.15 -5.52
N GLU A 88 -6.51 -14.24 -5.47
CA GLU A 88 -7.21 -14.46 -4.21
C GLU A 88 -6.81 -15.80 -3.58
N ARG A 89 -6.73 -16.84 -4.41
CA ARG A 89 -6.31 -18.17 -3.92
C ARG A 89 -4.88 -18.14 -3.39
N GLU A 90 -3.98 -17.56 -4.18
CA GLU A 90 -2.57 -17.47 -3.82
C GLU A 90 -2.35 -16.68 -2.54
N LEU A 91 -2.97 -15.51 -2.44
CA LEU A 91 -2.69 -14.62 -1.31
C LEU A 91 -3.40 -15.05 -0.04
N GLN A 92 -4.37 -15.95 -0.19
CA GLN A 92 -5.08 -16.50 0.98
C GLN A 92 -4.36 -17.69 1.59
N THR A 93 -3.30 -18.14 0.92
CA THR A 93 -2.47 -19.23 1.40
C THR A 93 -1.43 -18.67 2.40
N PRO A 94 -1.42 -19.18 3.64
CA PRO A 94 -0.49 -18.61 4.64
C PRO A 94 0.96 -18.60 4.16
N GLY A 95 1.63 -17.46 4.35
CA GLY A 95 3.02 -17.25 3.92
C GLY A 95 3.30 -16.76 2.50
N ARG A 96 2.29 -16.74 1.62
CA ARG A 96 2.52 -16.38 0.22
C ARG A 96 2.69 -14.86 0.01
N ALA A 97 1.89 -14.09 0.73
CA ALA A 97 1.96 -12.63 0.63
C ALA A 97 3.31 -12.11 1.08
N GLN A 98 3.84 -11.15 0.34
CA GLN A 98 5.10 -10.56 0.66
C GLN A 98 4.96 -9.14 1.20
N ILE A 99 3.78 -8.53 1.03
CA ILE A 99 3.52 -7.23 1.66
C ILE A 99 2.99 -7.53 3.08
N SER A 100 3.48 -6.80 4.08
CA SER A 100 3.02 -7.07 5.45
C SER A 100 1.54 -6.81 5.62
N ALA A 101 0.92 -7.61 6.50
CA ALA A 101 -0.50 -7.40 6.84
C ALA A 101 -0.77 -5.95 7.33
N TYR A 102 0.18 -5.38 8.05
CA TYR A 102 0.04 -4.01 8.54
C TYR A 102 -0.02 -3.02 7.38
N ARG A 103 0.91 -3.16 6.43
CA ARG A 103 0.90 -2.26 5.29
C ARG A 103 -0.34 -2.40 4.41
N VAL A 104 -0.81 -3.64 4.23
CA VAL A 104 -2.02 -3.90 3.46
C VAL A 104 -3.24 -3.27 4.16
N MET A 105 -3.27 -3.41 5.48
CA MET A 105 -4.33 -2.84 6.31
C MET A 105 -4.43 -1.32 6.11
N LEU A 106 -3.30 -0.61 6.23
CA LEU A 106 -3.34 0.83 6.00
C LEU A 106 -3.80 1.18 4.58
N TYR A 107 -3.26 0.43 3.60
CA TYR A 107 -3.67 0.69 2.24
C TYR A 107 -5.17 0.48 2.05
N GLN A 108 -5.71 -0.56 2.67
CA GLN A 108 -7.15 -0.84 2.51
C GLN A 108 -8.02 0.24 3.15
N ILE A 109 -7.54 0.82 4.25
CA ILE A 109 -8.26 1.97 4.80
C ILE A 109 -8.27 3.11 3.76
N SER A 110 -7.11 3.39 3.14
CA SER A 110 -7.04 4.46 2.14
C SER A 110 -7.98 4.22 0.95
N GLU A 111 -8.19 2.96 0.60
CA GLU A 111 -9.08 2.64 -0.52
C GLU A 111 -10.55 2.93 -0.17
N GLU A 112 -10.90 2.85 1.11
CA GLU A 112 -12.31 2.96 1.54
C GLU A 112 -12.71 4.40 1.81
N VAL A 113 -11.74 5.23 2.20
CA VAL A 113 -11.99 6.60 2.65
C VAL A 113 -12.40 7.50 1.46
N SER A 114 -13.56 8.13 1.60
CA SER A 114 -14.04 9.09 0.57
C SER A 114 -13.37 10.45 0.73
N ARG A 115 -13.59 11.38 -0.21
CA ARG A 115 -12.98 12.71 -0.12
C ARG A 115 -13.44 13.45 1.12
N SER A 116 -14.73 13.32 1.44
CA SER A 116 -15.24 13.97 2.66
C SER A 116 -14.72 13.30 3.93
N GLU A 117 -14.52 11.97 3.90
CA GLU A 117 -13.97 11.27 5.06
C GLU A 117 -12.53 11.67 5.28
N LEU A 118 -11.80 11.95 4.21
CA LEU A 118 -10.41 12.39 4.36
C LEU A 118 -10.33 13.75 5.06
N ARG A 119 -11.24 14.69 4.73
CA ARG A 119 -11.29 15.95 5.42
C ARG A 119 -11.56 15.71 6.89
N SER A 120 -12.47 14.78 7.20
CA SER A 120 -12.78 14.44 8.59
C SER A 120 -11.55 13.86 9.29
N PHE A 121 -10.82 12.97 8.61
CA PHE A 121 -9.62 12.36 9.20
C PHE A 121 -8.63 13.44 9.63
N LYS A 122 -8.37 14.40 8.75
CA LYS A 122 -7.46 15.51 9.10
C LYS A 122 -7.92 16.29 10.31
N ALA A 123 -9.19 16.66 10.33
CA ALA A 123 -9.74 17.43 11.43
C ALA A 123 -9.65 16.66 12.75
N LEU A 124 -10.02 15.38 12.71
CA LEU A 124 -9.99 14.53 13.90
C LEU A 124 -8.58 14.27 14.39
N LEU A 125 -7.64 14.05 13.47
CA LEU A 125 -6.25 13.80 13.87
C LEU A 125 -5.69 15.06 14.54
N GLN A 126 -6.09 16.22 14.05
CA GLN A 126 -5.65 17.49 14.67
C GLN A 126 -6.10 17.60 16.13
N GLU A 127 -7.26 17.03 16.45
CA GLU A 127 -7.71 16.98 17.85
C GLU A 127 -6.88 16.05 18.72
N GLU A 128 -6.29 15.02 18.10
CA GLU A 128 -5.64 13.93 18.81
C GLU A 128 -4.14 14.11 18.92
N ASP A 129 -3.60 15.03 18.13
CA ASP A 129 -2.14 15.13 17.95
C ASP A 129 -1.77 16.50 17.45
N SER A 130 -0.62 16.99 17.91
CA SER A 130 -0.09 18.28 17.48
C SER A 130 1.24 18.16 16.73
N LYS A 131 1.81 16.96 16.71
CA LYS A 131 3.12 16.73 16.08
C LYS A 131 3.10 16.67 14.55
N CYS A 132 2.00 16.17 13.97
CA CYS A 132 1.94 16.02 12.53
C CYS A 132 1.83 17.35 11.80
N LYS A 133 2.54 17.46 10.68
CA LYS A 133 2.36 18.59 9.78
C LYS A 133 1.39 18.15 8.69
N LEU A 134 0.18 18.72 8.73
CA LEU A 134 -0.90 18.34 7.82
C LEU A 134 -1.33 19.52 6.97
N ASP A 135 -1.72 19.23 5.72
CA ASP A 135 -2.28 20.24 4.87
C ASP A 135 -3.38 19.64 3.99
N ASP A 136 -4.10 20.52 3.29
CA ASP A 136 -5.28 20.14 2.50
C ASP A 136 -4.97 19.27 1.28
N ASP A 137 -3.73 19.34 0.79
CA ASP A 137 -3.32 18.62 -0.42
C ASP A 137 -2.94 17.16 -0.15
N MET A 138 -2.72 16.82 1.10
CA MET A 138 -2.26 15.47 1.48
C MET A 138 -3.37 14.44 1.33
N ASN A 139 -3.05 13.30 0.73
CA ASN A 139 -3.97 12.15 0.75
C ASN A 139 -3.76 11.33 2.02
N LEU A 140 -4.58 10.28 2.21
CA LEU A 140 -4.49 9.53 3.46
C LEU A 140 -3.16 8.79 3.57
N LEU A 141 -2.63 8.27 2.46
CA LEU A 141 -1.31 7.64 2.55
C LEU A 141 -0.22 8.61 3.06
N ASP A 142 -0.24 9.85 2.56
CA ASP A 142 0.68 10.88 3.02
C ASP A 142 0.49 11.13 4.51
N ILE A 143 -0.77 11.14 4.98
CA ILE A 143 -1.04 11.30 6.40
C ILE A 143 -0.43 10.14 7.20
N PHE A 144 -0.59 8.90 6.73
CA PHE A 144 -0.03 7.75 7.43
C PHE A 144 1.49 7.86 7.52
N ILE A 145 2.12 8.27 6.42
CA ILE A 145 3.58 8.43 6.39
C ILE A 145 4.01 9.48 7.41
N GLU A 146 3.27 10.58 7.47
CA GLU A 146 3.52 11.62 8.48
C GLU A 146 3.31 11.09 9.92
N MET A 147 2.24 10.33 10.17
CA MET A 147 2.02 9.75 11.49
C MET A 147 3.16 8.83 11.92
N GLU A 148 3.68 8.05 10.97
CA GLU A 148 4.81 7.14 11.20
C GLU A 148 6.08 7.95 11.49
N LYS A 149 6.31 9.03 10.73
CA LYS A 149 7.45 9.96 10.99
C LYS A 149 7.42 10.49 12.43
N ARG A 150 6.21 10.78 12.92
CA ARG A 150 6.05 11.37 14.23
C ARG A 150 5.85 10.32 15.32
N VAL A 151 6.03 9.05 14.92
CA VAL A 151 5.99 7.87 15.79
C VAL A 151 4.70 7.73 16.62
N ILE A 152 3.57 8.13 16.00
CA ILE A 152 2.25 7.94 16.64
C ILE A 152 1.44 6.89 15.87
N LEU A 153 2.07 6.28 14.86
CA LEU A 153 1.49 5.14 14.14
C LEU A 153 2.58 4.14 13.85
N GLY A 154 2.27 2.87 14.01
CA GLY A 154 3.18 1.77 13.69
C GLY A 154 2.51 0.44 13.94
N GLU A 155 3.20 -0.65 13.61
CA GLU A 155 2.64 -2.01 13.71
C GLU A 155 1.92 -2.35 15.02
N GLY A 156 2.45 -1.88 16.12
CA GLY A 156 1.85 -2.18 17.42
C GLY A 156 1.38 -0.92 18.10
N LYS A 157 1.11 0.11 17.30
CA LYS A 157 0.75 1.42 17.80
C LYS A 157 -0.41 1.97 16.96
N LEU A 158 -1.59 1.47 17.28
CA LEU A 158 -2.79 1.76 16.51
C LEU A 158 -3.80 2.62 17.28
N ASP A 159 -3.46 3.06 18.49
CA ASP A 159 -4.45 3.75 19.32
C ASP A 159 -5.07 4.98 18.65
N ILE A 160 -4.23 5.88 18.13
CA ILE A 160 -4.69 7.10 17.53
C ILE A 160 -5.43 6.79 16.23
N LEU A 161 -4.89 5.86 15.45
CA LEU A 161 -5.57 5.45 14.21
C LEU A 161 -7.00 4.98 14.50
N LYS A 162 -7.16 4.16 15.52
CA LYS A 162 -8.48 3.66 15.93
C LYS A 162 -9.40 4.79 16.45
N ARG A 163 -8.83 5.70 17.27
CA ARG A 163 -9.65 6.80 17.81
C ARG A 163 -10.21 7.68 16.70
N VAL A 164 -9.40 7.90 15.65
CA VAL A 164 -9.85 8.70 14.52
C VAL A 164 -10.86 7.90 13.69
N CYS A 165 -10.48 6.67 13.29
CA CYS A 165 -11.37 5.90 12.42
C CYS A 165 -12.73 5.60 13.03
N ALA A 166 -12.77 5.35 14.34
CA ALA A 166 -14.07 5.07 15.00
C ALA A 166 -15.06 6.23 14.85
N GLN A 167 -14.54 7.44 14.69
CA GLN A 167 -15.37 8.63 14.57
C GLN A 167 -15.74 8.94 13.13
N ILE A 168 -15.20 8.16 12.18
CA ILE A 168 -15.47 8.36 10.78
C ILE A 168 -16.43 7.32 10.18
N ASN A 169 -16.10 6.05 10.32
CA ASN A 169 -16.94 5.00 9.78
C ASN A 169 -16.57 3.67 10.42
N LYS A 170 -17.59 2.93 10.87
CA LYS A 170 -17.37 1.56 11.37
C LYS A 170 -16.57 0.66 10.42
N SER A 171 -16.76 0.87 9.11
CA SER A 171 -16.08 0.06 8.09
C SER A 171 -14.56 0.13 8.24
N LEU A 172 -14.09 1.32 8.57
CA LEU A 172 -12.64 1.52 8.73
C LEU A 172 -12.13 0.87 10.00
N LEU A 173 -12.88 1.06 11.08
CA LEU A 173 -12.50 0.48 12.31
C LEU A 173 -12.49 -1.05 12.20
N LYS A 174 -13.43 -1.61 11.42
CA LYS A 174 -13.50 -3.05 11.16
C LYS A 174 -12.21 -3.57 10.51
N ILE A 175 -11.73 -2.82 9.53
CA ILE A 175 -10.46 -3.21 8.84
C ILE A 175 -9.35 -3.34 9.87
N ILE A 176 -9.27 -2.37 10.78
CA ILE A 176 -8.21 -2.36 11.78
C ILE A 176 -8.39 -3.53 12.75
N ASN A 177 -9.61 -3.70 13.27
CA ASN A 177 -9.89 -4.74 14.24
C ASN A 177 -9.68 -6.16 13.70
N ASP A 178 -10.07 -6.39 12.45
CA ASP A 178 -9.84 -7.68 11.78
C ASP A 178 -8.34 -7.99 11.68
N TYR A 179 -7.57 -6.97 11.29
CA TYR A 179 -6.12 -7.09 11.23
C TYR A 179 -5.52 -7.40 12.61
N GLU A 180 -6.02 -6.71 13.64
CA GLU A 180 -5.46 -6.82 14.97
C GLU A 180 -5.68 -8.23 15.48
N GLU A 181 -6.88 -8.75 15.21
CA GLU A 181 -7.28 -10.05 15.74
C GLU A 181 -6.40 -11.15 15.14
N PHE A 182 -6.23 -11.10 13.82
CA PHE A 182 -5.39 -12.04 13.08
C PHE A 182 -3.91 -11.95 13.44
N SER A 183 -3.41 -10.74 13.64
CA SER A 183 -2.03 -10.53 14.10
C SER A 183 -1.71 -11.16 15.46
N LYS A 184 -2.63 -11.01 16.43
CA LYS A 184 -2.42 -11.55 17.78
C LYS A 184 -2.53 -13.07 17.79
N GLU A 185 -3.37 -13.58 16.89
CA GLU A 185 -3.45 -15.00 16.58
C GLU A 185 -2.04 -15.53 16.24
N ARG A 186 -1.28 -14.73 15.48
CA ARG A 186 0.19 -14.83 15.39
C ARG A 186 0.68 -16.17 14.84
#